data_4B4D
#
_entry.id   4B4D
#
_cell.length_a   50.699
_cell.length_b   99.775
_cell.length_c   118.785
_cell.angle_alpha   90.00
_cell.angle_beta   90.00
_cell.angle_gamma   90.00
#
_symmetry.space_group_name_H-M   'I 2 2 2'
#
loop_
_entity.id
_entity.type
_entity.pdbx_description
1 polymer 'FERREDOXIN-NADP REDUCTASE'
2 non-polymer 'FLAVIN-ADENINE DINUCLEOTIDE'
3 non-polymer 'CHLORIDE ION'
4 water water
#
_entity_poly.entity_id   1
_entity_poly.type   'polypeptide(L)'
_entity_poly.pdbx_seq_one_letter_code
;GSHMSSAFGAETVLEVRHWTDAYFSFTTTRDAGFRFENGQFVMIGLETETRPLLRAYSIASANWEEHLEFFSIKVPDGPL
TSRLQHIQPGDKVLVGKKPTGTLLISDLHPGRNLYLLGTGTGLAPWLSIIKDPETYERFDKVILTQGVRFVQDLAYRDYF
ERELPQHEFLGDLLREKLLYYPAVTRETFANQGRLTELMADGRMQQTLGLPTLDPANDRFMICGSPQMLADLRSLLDSRG
FQTSPRIGTPGHYVFERAFVEK
;
_entity_poly.pdbx_strand_id   A
#
# COMPACT_ATOMS: atom_id res chain seq x y z
N ALA A 7 -17.12 18.27 -8.64
CA ALA A 7 -16.36 17.03 -8.94
C ALA A 7 -15.35 16.73 -7.84
N PHE A 8 -14.73 17.80 -7.35
CA PHE A 8 -13.70 17.70 -6.32
C PHE A 8 -14.07 18.62 -5.17
N GLY A 9 -14.77 18.07 -4.18
CA GLY A 9 -15.12 18.78 -2.98
C GLY A 9 -13.94 18.82 -2.04
N ALA A 10 -13.86 19.89 -1.25
CA ALA A 10 -12.79 20.03 -0.29
C ALA A 10 -13.07 19.21 0.96
N GLU A 11 -12.03 18.59 1.49
CA GLU A 11 -12.09 17.95 2.80
C GLU A 11 -11.05 18.67 3.66
N THR A 12 -11.11 18.48 4.97
CA THR A 12 -10.21 19.20 5.86
C THR A 12 -9.14 18.28 6.41
N VAL A 13 -7.90 18.75 6.37
CA VAL A 13 -6.76 18.06 6.94
C VAL A 13 -6.87 18.02 8.45
N LEU A 14 -6.64 16.83 9.01
CA LEU A 14 -6.79 16.59 10.44
C LEU A 14 -5.44 16.46 11.11
N GLU A 15 -4.72 15.39 10.79
CA GLU A 15 -3.40 15.17 11.35
C GLU A 15 -2.40 15.02 10.22
N VAL A 16 -1.15 15.37 10.52
CA VAL A 16 -0.04 15.29 9.58
C VAL A 16 1.18 14.73 10.30
N ARG A 17 1.88 13.79 9.68
CA ARG A 17 3.12 13.24 10.22
C ARG A 17 4.17 13.08 9.15
N HIS A 18 5.35 13.66 9.41
CA HIS A 18 6.48 13.55 8.51
C HIS A 18 7.39 12.44 8.93
N TRP A 19 7.61 11.49 8.03
CA TRP A 19 8.49 10.36 8.27
C TRP A 19 9.91 10.72 7.98
N THR A 20 10.12 11.31 6.81
CA THR A 20 11.45 11.74 6.38
C THR A 20 11.28 12.97 5.50
N ASP A 21 12.39 13.47 4.97
CA ASP A 21 12.42 14.53 3.95
C ASP A 21 11.65 14.17 2.69
N ALA A 22 11.34 12.88 2.50
CA ALA A 22 10.72 12.38 1.27
C ALA A 22 9.32 11.80 1.45
N TYR A 23 8.93 11.49 2.68
CA TYR A 23 7.63 10.87 2.94
C TYR A 23 6.88 11.51 4.10
N PHE A 24 5.59 11.67 3.90
CA PHE A 24 4.70 12.11 4.99
C PHE A 24 3.31 11.52 4.80
N SER A 25 2.57 11.49 5.91
CA SER A 25 1.21 11.00 5.93
C SER A 25 0.28 12.07 6.45
N PHE A 26 -0.97 12.04 6.02
CA PHE A 26 -1.97 12.91 6.58
C PHE A 26 -3.35 12.27 6.55
N THR A 27 -4.22 12.77 7.42
CA THR A 27 -5.60 12.32 7.42
C THR A 27 -6.53 13.48 7.06
N THR A 28 -7.66 13.16 6.48
CA THR A 28 -8.67 14.16 6.15
C THR A 28 -10.05 13.72 6.59
N THR A 29 -10.97 14.69 6.63
CA THR A 29 -12.37 14.36 6.77
C THR A 29 -12.86 13.56 5.56
N ARG A 30 -14.00 12.92 5.72
CA ARG A 30 -14.54 12.06 4.70
C ARG A 30 -15.98 12.47 4.48
N ASP A 31 -16.39 12.61 3.22
CA ASP A 31 -17.77 12.97 2.92
C ASP A 31 -18.69 11.82 3.29
N ALA A 32 -19.86 12.16 3.80
CA ALA A 32 -20.86 11.18 4.24
C ALA A 32 -21.18 10.14 3.16
N GLY A 33 -21.23 10.57 1.91
CA GLY A 33 -21.56 9.70 0.79
C GLY A 33 -20.36 9.09 0.07
N PHE A 34 -19.15 9.28 0.62
CA PHE A 34 -17.95 8.72 -0.02
C PHE A 34 -17.74 7.26 0.35
N ARG A 35 -17.83 6.38 -0.64
CA ARG A 35 -17.66 4.95 -0.43
C ARG A 35 -16.54 4.44 -1.31
N PHE A 36 -15.82 3.43 -0.85
CA PHE A 36 -14.75 2.83 -1.65
C PHE A 36 -14.47 1.38 -1.26
N GLU A 37 -13.82 0.65 -2.15
CA GLU A 37 -13.37 -0.70 -1.90
C GLU A 37 -11.93 -0.59 -1.46
N ASN A 38 -11.56 -1.34 -0.43
CA ASN A 38 -10.22 -1.28 0.11
C ASN A 38 -9.18 -1.64 -0.93
N GLY A 39 -8.19 -0.77 -1.08
CA GLY A 39 -7.12 -0.92 -2.09
C GLY A 39 -7.24 0.11 -3.20
N GLN A 40 -8.41 0.73 -3.33
CA GLN A 40 -8.64 1.70 -4.40
C GLN A 40 -7.91 3.03 -4.22
N PHE A 41 -7.76 3.74 -5.34
CA PHE A 41 -7.22 5.09 -5.37
C PHE A 41 -8.26 6.09 -5.81
N VAL A 42 -7.99 7.35 -5.51
CA VAL A 42 -8.89 8.46 -5.81
C VAL A 42 -8.06 9.65 -6.22
N MET A 43 -8.65 10.54 -7.01
CA MET A 43 -8.00 11.80 -7.31
C MET A 43 -8.09 12.71 -6.09
N ILE A 44 -6.96 13.28 -5.70
CA ILE A 44 -6.97 14.30 -4.64
C ILE A 44 -6.18 15.50 -5.14
N GLY A 45 -6.20 16.59 -4.40
CA GLY A 45 -5.40 17.72 -4.81
C GLY A 45 -5.57 18.99 -4.01
N LEU A 46 -5.13 20.08 -4.61
CA LEU A 46 -5.16 21.38 -3.95
C LEU A 46 -5.77 22.43 -4.85
N GLU A 47 -6.50 23.36 -4.24
CA GLU A 47 -6.90 24.57 -4.93
C GLU A 47 -5.66 25.45 -5.10
N THR A 48 -5.60 26.20 -6.20
CA THR A 48 -4.51 27.16 -6.41
C THR A 48 -5.06 28.47 -6.93
N GLU A 49 -4.15 29.43 -7.13
CA GLU A 49 -4.43 30.72 -7.74
C GLU A 49 -5.05 30.62 -9.13
N THR A 50 -4.91 29.46 -9.77
CA THR A 50 -5.51 29.21 -11.09
C THR A 50 -6.32 27.91 -11.04
N ARG A 51 -5.85 26.90 -11.77
CA ARG A 51 -6.49 25.58 -11.86
C ARG A 51 -6.06 24.72 -10.67
N PRO A 52 -6.97 23.84 -10.20
CA PRO A 52 -6.57 22.92 -9.13
C PRO A 52 -5.50 21.92 -9.58
N LEU A 53 -4.60 21.56 -8.67
CA LEU A 53 -3.61 20.52 -8.92
C LEU A 53 -4.22 19.21 -8.46
N LEU A 54 -4.27 18.24 -9.37
CA LEU A 54 -4.95 16.97 -9.11
C LEU A 54 -4.04 15.80 -9.43
N ARG A 55 -3.99 14.82 -8.51
CA ARG A 55 -3.18 13.61 -8.71
C ARG A 55 -3.86 12.39 -8.12
N ALA A 56 -3.65 11.24 -8.75
CA ALA A 56 -4.10 9.96 -8.19
C ALA A 56 -3.34 9.58 -6.90
N TYR A 57 -4.09 9.18 -5.88
CA TYR A 57 -3.55 8.73 -4.57
C TYR A 57 -4.28 7.51 -4.08
N SER A 58 -3.55 6.50 -3.61
CA SER A 58 -4.18 5.38 -2.90
C SER A 58 -4.88 5.89 -1.65
N ILE A 59 -6.03 5.29 -1.31
CA ILE A 59 -6.64 5.61 0.00
C ILE A 59 -5.99 4.70 1.05
N ALA A 60 -5.22 5.29 1.96
CA ALA A 60 -4.42 4.52 2.91
C ALA A 60 -5.17 4.26 4.21
N SER A 61 -6.44 3.94 4.08
CA SER A 61 -7.31 3.67 5.22
C SER A 61 -8.40 2.71 4.78
N ALA A 62 -9.06 2.07 5.74
CA ALA A 62 -10.11 1.11 5.40
C ALA A 62 -11.46 1.82 5.29
N ASN A 63 -12.34 1.26 4.47
CA ASN A 63 -13.64 1.88 4.17
C ASN A 63 -14.60 1.97 5.35
N TRP A 64 -14.32 1.20 6.40
CA TRP A 64 -15.14 1.27 7.62
C TRP A 64 -14.72 2.41 8.52
N GLU A 65 -13.53 2.98 8.29
CA GLU A 65 -13.00 4.06 9.15
C GLU A 65 -13.66 5.41 8.85
N GLU A 66 -13.70 6.28 9.88
CA GLU A 66 -14.39 7.56 9.80
C GLU A 66 -13.63 8.68 9.08
N HIS A 67 -12.32 8.52 8.91
CA HIS A 67 -11.49 9.51 8.23
C HIS A 67 -10.80 8.84 7.08
N LEU A 68 -10.26 9.65 6.17
CA LEU A 68 -9.38 9.13 5.12
C LEU A 68 -7.93 9.36 5.55
N GLU A 69 -7.03 8.48 5.11
CA GLU A 69 -5.59 8.70 5.31
C GLU A 69 -4.90 8.57 3.96
N PHE A 70 -3.85 9.37 3.79
CA PHE A 70 -3.02 9.32 2.58
C PHE A 70 -1.56 9.26 2.96
N PHE A 71 -0.77 8.54 2.16
CA PHE A 71 0.67 8.39 2.41
C PHE A 71 1.34 8.92 1.16
N SER A 72 2.14 9.98 1.34
CA SER A 72 2.59 10.81 0.22
C SER A 72 4.11 10.94 0.08
N ILE A 73 4.56 10.92 -1.17
CA ILE A 73 5.90 11.35 -1.53
C ILE A 73 6.04 12.88 -1.36
N LYS A 74 7.28 13.34 -1.23
CA LYS A 74 7.59 14.75 -1.34
C LYS A 74 8.61 14.91 -2.45
N VAL A 75 8.16 15.45 -3.58
CA VAL A 75 9.03 15.73 -4.72
C VAL A 75 9.37 17.23 -4.70
N PRO A 76 10.66 17.61 -4.53
CA PRO A 76 11.01 19.02 -4.31
C PRO A 76 10.39 20.03 -5.31
N ASP A 77 10.38 19.68 -6.58
CA ASP A 77 9.83 20.55 -7.61
C ASP A 77 8.56 19.94 -8.21
N GLY A 78 7.98 18.95 -7.52
CA GLY A 78 6.73 18.36 -7.98
C GLY A 78 5.58 19.34 -7.83
N PRO A 79 4.80 19.57 -8.91
CA PRO A 79 3.76 20.58 -8.80
C PRO A 79 2.80 20.40 -7.61
N LEU A 80 2.32 19.18 -7.37
CA LEU A 80 1.42 18.98 -6.24
C LEU A 80 2.15 18.92 -4.92
N THR A 81 3.16 18.05 -4.83
CA THR A 81 3.73 17.76 -3.52
C THR A 81 4.68 18.82 -2.99
N SER A 82 5.17 19.72 -3.85
CA SER A 82 5.95 20.87 -3.37
C SER A 82 5.07 21.70 -2.44
N ARG A 83 3.77 21.71 -2.72
CA ARG A 83 2.79 22.43 -1.90
C ARG A 83 2.14 21.53 -0.85
N LEU A 84 1.79 20.31 -1.24
CA LEU A 84 1.08 19.39 -0.33
C LEU A 84 1.88 19.11 0.94
N GLN A 85 3.21 19.07 0.83
CA GLN A 85 4.09 18.81 1.99
C GLN A 85 3.91 19.82 3.13
N HIS A 86 3.34 20.98 2.82
CA HIS A 86 3.21 22.05 3.80
C HIS A 86 1.85 22.16 4.42
N ILE A 87 0.98 21.19 4.15
CA ILE A 87 -0.37 21.22 4.72
C ILE A 87 -0.33 21.13 6.24
N GLN A 88 -1.30 21.79 6.85
CA GLN A 88 -1.43 21.89 8.29
C GLN A 88 -2.86 21.49 8.64
N PRO A 89 -3.08 21.05 9.89
CA PRO A 89 -4.45 20.80 10.33
C PRO A 89 -5.36 21.99 10.05
N GLY A 90 -6.52 21.74 9.46
CA GLY A 90 -7.45 22.81 9.10
C GLY A 90 -7.46 23.18 7.63
N ASP A 91 -6.34 22.93 6.94
CA ASP A 91 -6.22 23.18 5.50
C ASP A 91 -7.20 22.33 4.70
N LYS A 92 -7.51 22.78 3.48
CA LYS A 92 -8.38 22.05 2.58
C LYS A 92 -7.60 21.24 1.55
N VAL A 93 -8.01 19.98 1.38
CA VAL A 93 -7.48 19.11 0.33
C VAL A 93 -8.68 18.61 -0.47
N LEU A 94 -8.60 18.77 -1.79
CA LEU A 94 -9.66 18.31 -2.67
C LEU A 94 -9.63 16.80 -2.74
N VAL A 95 -10.80 16.18 -2.70
CA VAL A 95 -10.94 14.72 -2.82
C VAL A 95 -12.03 14.37 -3.82
N GLY A 96 -11.70 13.52 -4.79
CA GLY A 96 -12.64 13.04 -5.79
C GLY A 96 -13.77 12.16 -5.30
N LYS A 97 -14.67 11.80 -6.22
CA LYS A 97 -15.89 11.07 -5.92
C LYS A 97 -15.91 9.64 -6.46
N LYS A 98 -14.90 9.30 -7.27
CA LYS A 98 -14.96 8.08 -8.06
C LYS A 98 -13.74 7.16 -7.89
N PRO A 99 -13.63 6.49 -6.73
CA PRO A 99 -12.45 5.64 -6.56
C PRO A 99 -12.43 4.48 -7.53
N THR A 100 -11.22 4.02 -7.84
CA THR A 100 -11.04 2.94 -8.80
C THR A 100 -9.72 2.25 -8.51
N GLY A 101 -9.33 1.34 -9.39
CA GLY A 101 -8.04 0.66 -9.24
C GLY A 101 -8.09 -0.85 -9.21
N THR A 102 -6.90 -1.45 -9.32
CA THR A 102 -6.78 -2.90 -9.50
C THR A 102 -6.44 -3.65 -8.22
N LEU A 103 -6.14 -2.94 -7.13
CA LEU A 103 -5.62 -3.63 -5.95
C LEU A 103 -6.76 -4.12 -5.08
N LEU A 104 -7.45 -5.13 -5.60
CA LEU A 104 -8.68 -5.62 -4.97
C LEU A 104 -8.53 -7.10 -4.65
N ILE A 105 -8.74 -7.46 -3.39
CA ILE A 105 -8.71 -8.88 -3.06
C ILE A 105 -9.79 -9.68 -3.79
N SER A 106 -10.86 -8.99 -4.19
CA SER A 106 -11.91 -9.63 -4.98
C SER A 106 -11.44 -10.12 -6.35
N ASP A 107 -10.33 -9.56 -6.86
CA ASP A 107 -9.71 -10.03 -8.11
C ASP A 107 -8.57 -11.02 -7.86
N LEU A 108 -8.54 -11.60 -6.68
CA LEU A 108 -7.59 -12.68 -6.40
C LEU A 108 -8.37 -14.00 -6.30
N HIS A 109 -7.94 -15.01 -7.05
CA HIS A 109 -8.45 -16.37 -6.85
C HIS A 109 -8.30 -16.79 -5.41
N PRO A 110 -9.16 -17.72 -4.95
CA PRO A 110 -9.02 -18.26 -3.61
C PRO A 110 -7.57 -18.69 -3.37
N GLY A 111 -7.08 -18.37 -2.19
CA GLY A 111 -5.68 -18.68 -1.86
C GLY A 111 -5.49 -18.87 -0.38
N ARG A 112 -4.25 -19.11 0.01
CA ARG A 112 -3.89 -19.39 1.40
C ARG A 112 -3.06 -18.23 2.01
N ASN A 113 -2.06 -17.77 1.26
CA ASN A 113 -1.20 -16.69 1.75
C ASN A 113 -1.35 -15.50 0.83
N LEU A 114 -1.51 -14.32 1.44
CA LEU A 114 -1.60 -13.06 0.72
C LEU A 114 -0.35 -12.21 0.95
N TYR A 115 0.41 -12.00 -0.12
CA TYR A 115 1.65 -11.21 -0.05
C TYR A 115 1.35 -9.81 -0.58
N LEU A 116 1.62 -8.81 0.24
CA LEU A 116 1.47 -7.42 -0.15
C LEU A 116 2.84 -6.84 -0.41
N LEU A 117 3.22 -6.75 -1.68
CA LEU A 117 4.57 -6.37 -2.06
C LEU A 117 4.57 -4.91 -2.50
N GLY A 118 5.13 -4.06 -1.65
CA GLY A 118 5.13 -2.61 -1.90
C GLY A 118 6.50 -2.00 -1.70
N THR A 119 6.82 -0.99 -2.50
CA THR A 119 8.01 -0.16 -2.27
C THR A 119 7.60 1.30 -2.08
N GLY A 120 8.30 2.01 -1.21
CA GLY A 120 8.04 3.43 -0.97
C GLY A 120 6.57 3.65 -0.63
N THR A 121 5.93 4.56 -1.34
CA THR A 121 4.52 4.88 -1.09
C THR A 121 3.54 3.79 -1.53
N GLY A 122 4.06 2.78 -2.22
CA GLY A 122 3.34 1.54 -2.53
C GLY A 122 2.78 0.83 -1.31
N LEU A 123 3.33 1.17 -0.14
CA LEU A 123 2.78 0.73 1.13
C LEU A 123 1.35 1.23 1.36
N ALA A 124 1.03 2.42 0.80
CA ALA A 124 -0.27 3.06 1.06
C ALA A 124 -1.53 2.16 0.95
N PRO A 125 -1.72 1.44 -0.18
CA PRO A 125 -2.94 0.62 -0.25
C PRO A 125 -2.95 -0.51 0.76
N TRP A 126 -1.77 -0.92 1.24
CA TRP A 126 -1.74 -2.01 2.20
C TRP A 126 -2.33 -1.60 3.52
N LEU A 127 -2.17 -0.33 3.86
CA LEU A 127 -2.78 0.21 5.10
C LEU A 127 -4.28 0.00 5.09
N SER A 128 -4.88 0.07 3.90
CA SER A 128 -6.29 -0.22 3.72
C SER A 128 -6.56 -1.70 3.87
N ILE A 129 -5.91 -2.50 3.03
CA ILE A 129 -6.08 -3.95 2.98
C ILE A 129 -5.91 -4.66 4.34
N ILE A 130 -4.85 -4.33 5.07
CA ILE A 130 -4.61 -5.01 6.35
C ILE A 130 -5.65 -4.68 7.43
N LYS A 131 -6.45 -3.65 7.19
CA LYS A 131 -7.55 -3.29 8.11
C LYS A 131 -8.93 -3.75 7.65
N ASP A 132 -8.98 -4.48 6.53
CA ASP A 132 -10.23 -5.03 6.02
C ASP A 132 -10.47 -6.39 6.67
N PRO A 133 -11.59 -6.56 7.40
CA PRO A 133 -11.86 -7.87 8.01
C PRO A 133 -11.92 -9.02 7.00
N GLU A 134 -12.37 -8.71 5.78
CA GLU A 134 -12.54 -9.71 4.73
C GLU A 134 -11.19 -10.31 4.30
N THR A 135 -10.11 -9.53 4.45
CA THR A 135 -8.77 -10.00 4.11
C THR A 135 -8.45 -11.26 4.92
N TYR A 136 -8.80 -11.21 6.20
CA TYR A 136 -8.51 -12.32 7.10
C TYR A 136 -9.49 -13.47 7.00
N GLU A 137 -10.71 -13.20 6.54
CA GLU A 137 -11.66 -14.27 6.27
C GLU A 137 -11.19 -15.16 5.13
N ARG A 138 -10.42 -14.56 4.21
CA ARG A 138 -10.04 -15.21 2.98
C ARG A 138 -8.64 -15.83 2.99
N PHE A 139 -7.80 -15.39 3.91
CA PHE A 139 -6.40 -15.82 3.95
C PHE A 139 -5.91 -16.23 5.32
N ASP A 140 -5.07 -17.25 5.30
CA ASP A 140 -4.42 -17.78 6.51
CA ASP A 140 -4.43 -17.80 6.49
C ASP A 140 -3.29 -16.90 7.01
N LYS A 141 -2.53 -16.30 6.08
CA LYS A 141 -1.41 -15.43 6.43
C LYS A 141 -1.46 -14.25 5.49
N VAL A 142 -1.13 -13.08 6.03
CA VAL A 142 -1.03 -11.85 5.25
C VAL A 142 0.36 -11.31 5.51
N ILE A 143 1.16 -11.22 4.45
CA ILE A 143 2.56 -10.81 4.56
C ILE A 143 2.60 -9.35 4.11
N LEU A 144 2.85 -8.45 5.05
CA LEU A 144 2.91 -7.03 4.80
C LEU A 144 4.35 -6.64 4.57
N THR A 145 4.69 -6.19 3.37
CA THR A 145 6.06 -5.71 3.11
C THR A 145 6.12 -4.21 2.84
N GLN A 146 7.26 -3.61 3.13
CA GLN A 146 7.65 -2.35 2.53
C GLN A 146 9.12 -2.44 2.18
N GLY A 147 9.43 -2.27 0.90
CA GLY A 147 10.84 -2.15 0.47
C GLY A 147 11.18 -0.68 0.34
N VAL A 148 12.28 -0.27 0.99
CA VAL A 148 12.74 1.10 0.98
C VAL A 148 14.27 1.12 0.79
N ARG A 149 14.83 2.30 0.66
CA ARG A 149 16.29 2.41 0.47
C ARG A 149 17.09 2.29 1.77
N PHE A 150 16.67 3.01 2.80
CA PHE A 150 17.39 3.02 4.09
C PHE A 150 16.47 2.63 5.23
N VAL A 151 17.05 2.14 6.31
CA VAL A 151 16.25 1.74 7.48
C VAL A 151 15.36 2.90 7.96
N GLN A 152 15.92 4.12 7.93
CA GLN A 152 15.19 5.30 8.39
C GLN A 152 13.98 5.68 7.53
N ASP A 153 13.87 5.06 6.35
CA ASP A 153 12.78 5.32 5.41
C ASP A 153 11.53 4.49 5.69
N LEU A 154 11.68 3.43 6.47
CA LEU A 154 10.53 2.57 6.79
C LEU A 154 9.46 3.40 7.48
N ALA A 155 8.27 3.40 6.91
CA ALA A 155 7.15 4.17 7.46
C ALA A 155 6.25 3.26 8.27
N TYR A 156 5.62 3.82 9.30
CA TYR A 156 4.64 3.12 10.12
C TYR A 156 5.23 1.92 10.88
N ARG A 157 6.54 1.94 11.13
CA ARG A 157 7.20 0.76 11.69
C ARG A 157 6.69 0.39 13.09
N ASP A 158 6.62 1.37 13.98
CA ASP A 158 6.06 1.14 15.32
C ASP A 158 4.62 0.67 15.28
N TYR A 159 3.84 1.26 14.39
CA TYR A 159 2.46 0.86 14.16
C TYR A 159 2.39 -0.63 13.84
N PHE A 160 3.16 -1.07 12.85
CA PHE A 160 3.12 -2.46 12.41
C PHE A 160 3.66 -3.43 13.46
N GLU A 161 4.77 -3.05 14.10
CA GLU A 161 5.48 -3.95 15.03
C GLU A 161 4.87 -4.00 16.43
N ARG A 162 4.29 -2.89 16.88
CA ARG A 162 3.83 -2.76 18.26
C ARG A 162 2.33 -2.48 18.41
N GLU A 163 1.83 -1.48 17.68
CA GLU A 163 0.48 -0.97 17.93
C GLU A 163 -0.62 -1.85 17.33
N LEU A 164 -0.45 -2.24 16.07
CA LEU A 164 -1.45 -3.00 15.35
C LEU A 164 -1.76 -4.38 15.99
N PRO A 165 -0.73 -5.08 16.52
CA PRO A 165 -1.02 -6.31 17.28
C PRO A 165 -1.83 -6.09 18.57
N GLN A 166 -2.07 -4.83 18.93
CA GLN A 166 -2.88 -4.46 20.09
C GLN A 166 -4.21 -3.78 19.70
N HIS A 167 -4.52 -3.75 18.41
CA HIS A 167 -5.75 -3.13 17.91
C HIS A 167 -6.93 -3.69 18.66
N GLU A 168 -7.47 -2.90 19.57
CA GLU A 168 -8.60 -3.32 20.42
C GLU A 168 -9.57 -4.28 19.72
N PHE A 169 -9.67 -4.18 18.39
CA PHE A 169 -10.60 -4.98 17.61
C PHE A 169 -10.02 -5.96 16.60
N LEU A 170 -8.90 -5.60 15.98
CA LEU A 170 -8.28 -6.46 14.97
C LEU A 170 -7.12 -7.27 15.54
N GLY A 171 -6.63 -6.85 16.72
CA GLY A 171 -5.41 -7.38 17.33
C GLY A 171 -5.19 -8.87 17.46
N ASP A 172 -6.18 -9.59 17.98
CA ASP A 172 -6.08 -11.04 18.19
C ASP A 172 -5.81 -11.78 16.88
N LEU A 173 -6.56 -11.38 15.87
CA LEU A 173 -6.44 -11.90 14.52
C LEU A 173 -5.09 -11.55 13.88
N LEU A 174 -4.61 -10.34 14.14
CA LEU A 174 -3.38 -9.84 13.52
C LEU A 174 -2.13 -10.53 14.05
N ARG A 175 -2.10 -10.80 15.36
CA ARG A 175 -0.99 -11.55 15.94
C ARG A 175 -0.89 -12.93 15.30
N GLU A 176 -2.03 -13.48 14.90
CA GLU A 176 -2.09 -14.82 14.31
C GLU A 176 -1.72 -14.84 12.83
N LYS A 177 -2.12 -13.81 12.09
CA LYS A 177 -2.11 -13.86 10.63
C LYS A 177 -1.21 -12.84 9.94
N LEU A 178 -0.99 -11.69 10.58
CA LEU A 178 -0.23 -10.59 9.95
C LEU A 178 1.27 -10.72 10.20
N LEU A 179 2.03 -10.85 9.11
CA LEU A 179 3.49 -10.92 9.19
C LEU A 179 4.12 -9.72 8.51
N TYR A 180 4.91 -8.97 9.27
CA TYR A 180 5.58 -7.77 8.75
C TYR A 180 6.98 -8.10 8.28
N TYR A 181 7.26 -7.74 7.03
CA TYR A 181 8.53 -8.03 6.40
C TYR A 181 9.09 -6.75 5.75
N PRO A 182 9.82 -5.95 6.53
CA PRO A 182 10.49 -4.79 5.95
C PRO A 182 11.71 -5.20 5.13
N ALA A 183 11.98 -4.48 4.05
CA ALA A 183 13.18 -4.74 3.25
C ALA A 183 13.87 -3.43 2.93
N VAL A 184 15.21 -3.46 2.95
CA VAL A 184 16.05 -2.28 2.79
C VAL A 184 17.15 -2.61 1.77
N THR A 185 17.40 -1.70 0.84
CA THR A 185 18.38 -1.99 -0.21
C THR A 185 19.78 -1.44 0.09
N ARG A 186 19.86 -0.22 0.59
CA ARG A 186 21.11 0.56 0.51
C ARG A 186 22.04 0.44 1.71
N GLU A 187 21.65 -0.35 2.70
CA GLU A 187 22.51 -0.61 3.87
C GLU A 187 22.20 -1.98 4.45
N THR A 188 23.09 -2.49 5.30
CA THR A 188 22.85 -3.78 5.93
C THR A 188 21.59 -3.76 6.80
N PHE A 189 20.89 -4.89 6.82
CA PHE A 189 19.59 -5.01 7.47
C PHE A 189 19.23 -6.48 7.49
N ALA A 190 18.32 -6.86 8.39
CA ALA A 190 17.87 -8.24 8.48
C ALA A 190 17.48 -8.79 7.11
N ASN A 191 16.74 -8.00 6.35
CA ASN A 191 16.31 -8.35 5.00
C ASN A 191 16.84 -7.33 4.00
N GLN A 192 18.01 -7.63 3.44
CA GLN A 192 18.66 -6.65 2.59
C GLN A 192 18.52 -7.01 1.13
N GLY A 193 17.85 -6.12 0.39
CA GLY A 193 17.73 -6.26 -1.05
C GLY A 193 16.41 -5.74 -1.55
N ARG A 194 16.25 -5.80 -2.87
CA ARG A 194 14.97 -5.56 -3.52
C ARG A 194 14.06 -6.73 -3.17
N LEU A 195 12.75 -6.50 -3.17
CA LEU A 195 11.83 -7.62 -2.93
C LEU A 195 12.01 -8.76 -3.93
N THR A 196 12.29 -8.41 -5.19
CA THR A 196 12.53 -9.40 -6.23
C THR A 196 13.70 -10.33 -5.83
N GLU A 197 14.77 -9.73 -5.32
CA GLU A 197 15.95 -10.53 -4.94
C GLU A 197 15.73 -11.39 -3.71
N LEU A 198 14.99 -10.85 -2.74
CA LEU A 198 14.66 -11.60 -1.53
C LEU A 198 13.71 -12.77 -1.82
N MET A 199 12.92 -12.66 -2.89
CA MET A 199 12.04 -13.75 -3.28
CA MET A 199 12.04 -13.73 -3.29
C MET A 199 12.71 -14.70 -4.25
N ALA A 200 13.60 -14.18 -5.10
CA ALA A 200 14.26 -14.98 -6.14
C ALA A 200 14.99 -16.18 -5.57
N ASP A 201 15.61 -16.00 -4.40
CA ASP A 201 16.34 -17.09 -3.76
C ASP A 201 15.66 -17.57 -2.48
N GLY A 202 14.39 -17.19 -2.32
CA GLY A 202 13.57 -17.68 -1.21
C GLY A 202 13.91 -17.19 0.19
N ARG A 203 14.72 -16.14 0.30
CA ARG A 203 15.07 -15.60 1.63
C ARG A 203 13.84 -15.13 2.40
N MET A 204 12.92 -14.48 1.68
CA MET A 204 11.67 -13.98 2.28
C MET A 204 10.86 -15.13 2.91
N GLN A 205 10.70 -16.22 2.16
CA GLN A 205 9.93 -17.37 2.63
C GLN A 205 10.61 -18.08 3.82
N GLN A 206 11.94 -18.16 3.77
CA GLN A 206 12.69 -18.76 4.87
C GLN A 206 12.55 -17.96 6.18
N THR A 207 12.72 -16.64 6.08
CA THR A 207 12.54 -15.74 7.20
C THR A 207 11.14 -15.87 7.82
N LEU A 208 10.13 -15.94 6.97
CA LEU A 208 8.74 -15.95 7.44
C LEU A 208 8.22 -17.32 7.85
N GLY A 209 9.01 -18.36 7.54
CA GLY A 209 8.61 -19.75 7.82
C GLY A 209 7.47 -20.23 6.92
N LEU A 210 7.45 -19.73 5.69
CA LEU A 210 6.45 -20.12 4.71
C LEU A 210 7.03 -21.01 3.60
N PRO A 211 6.18 -21.82 2.94
CA PRO A 211 6.69 -22.72 1.90
C PRO A 211 7.12 -21.98 0.64
N THR A 212 7.88 -22.66 -0.21
CA THR A 212 8.25 -22.17 -1.53
C THR A 212 6.98 -21.73 -2.26
N LEU A 213 7.10 -20.62 -3.01
CA LEU A 213 5.95 -20.09 -3.76
C LEU A 213 5.29 -21.14 -4.64
N ASP A 214 3.97 -21.09 -4.66
CA ASP A 214 3.14 -22.08 -5.31
C ASP A 214 1.89 -21.39 -5.84
N PRO A 215 1.68 -21.43 -7.18
CA PRO A 215 0.52 -20.82 -7.84
C PRO A 215 -0.83 -21.27 -7.28
N ALA A 216 -0.89 -22.49 -6.72
CA ALA A 216 -2.14 -22.92 -6.10
C ALA A 216 -2.47 -22.14 -4.82
N ASN A 217 -1.45 -21.68 -4.11
CA ASN A 217 -1.62 -21.22 -2.72
C ASN A 217 -1.37 -19.75 -2.45
N ASP A 218 -0.39 -19.20 -3.15
CA ASP A 218 0.07 -17.85 -2.88
C ASP A 218 -0.53 -16.82 -3.80
N ARG A 219 -1.01 -15.74 -3.19
CA ARG A 219 -1.59 -14.61 -3.92
C ARG A 219 -0.78 -13.36 -3.63
N PHE A 220 -0.71 -12.46 -4.62
CA PHE A 220 0.09 -11.25 -4.52
C PHE A 220 -0.68 -10.01 -4.90
N MET A 221 -0.40 -8.93 -4.20
CA MET A 221 -0.81 -7.59 -4.62
C MET A 221 0.49 -6.83 -4.67
N ILE A 222 0.74 -6.13 -5.78
CA ILE A 222 2.04 -5.52 -6.01
C ILE A 222 1.84 -4.05 -6.34
N CYS A 223 2.54 -3.17 -5.61
CA CYS A 223 2.41 -1.73 -5.81
C CYS A 223 3.74 -1.04 -5.61
N GLY A 224 4.27 -0.42 -6.65
CA GLY A 224 5.60 0.15 -6.55
C GLY A 224 6.05 0.83 -7.79
N SER A 225 7.35 1.06 -7.85
CA SER A 225 7.98 1.69 -8.98
C SER A 225 7.79 0.88 -10.26
N PRO A 226 7.92 1.55 -11.41
CA PRO A 226 7.82 0.85 -12.67
C PRO A 226 8.79 -0.33 -12.70
N GLN A 227 10.00 -0.12 -12.20
CA GLN A 227 11.00 -1.19 -12.19
C GLN A 227 10.59 -2.37 -11.31
N MET A 228 10.13 -2.09 -10.08
CA MET A 228 9.82 -3.20 -9.17
C MET A 228 8.66 -3.99 -9.75
N LEU A 229 7.68 -3.31 -10.36
CA LEU A 229 6.56 -4.03 -10.94
C LEU A 229 7.00 -4.98 -12.05
N ALA A 230 7.83 -4.46 -12.96
CA ALA A 230 8.36 -5.25 -14.08
C ALA A 230 9.14 -6.45 -13.57
N ASP A 231 10.00 -6.21 -12.57
CA ASP A 231 10.85 -7.29 -12.06
C ASP A 231 10.05 -8.35 -11.32
N LEU A 232 9.09 -7.91 -10.49
CA LEU A 232 8.29 -8.88 -9.74
C LEU A 232 7.34 -9.66 -10.63
N ARG A 233 6.74 -8.98 -11.61
CA ARG A 233 5.90 -9.67 -12.57
C ARG A 233 6.68 -10.72 -13.35
N SER A 234 7.92 -10.40 -13.72
CA SER A 234 8.75 -11.36 -14.46
C SER A 234 9.02 -12.58 -13.59
N LEU A 235 9.36 -12.34 -12.33
CA LEU A 235 9.60 -13.44 -11.39
C LEU A 235 8.37 -14.32 -11.21
N LEU A 236 7.24 -13.70 -10.89
CA LEU A 236 6.00 -14.45 -10.66
C LEU A 236 5.52 -15.18 -11.91
N ASP A 237 5.61 -14.52 -13.05
CA ASP A 237 5.21 -15.14 -14.32
C ASP A 237 6.07 -16.36 -14.61
N SER A 238 7.37 -16.27 -14.33
CA SER A 238 8.28 -17.39 -14.54
C SER A 238 8.03 -18.56 -13.58
N ARG A 239 7.33 -18.30 -12.48
CA ARG A 239 7.00 -19.34 -11.50
C ARG A 239 5.57 -19.87 -11.70
N GLY A 240 4.93 -19.46 -12.79
CA GLY A 240 3.60 -19.99 -13.18
C GLY A 240 2.39 -19.23 -12.64
N PHE A 241 2.62 -18.05 -12.06
CA PHE A 241 1.52 -17.23 -11.55
C PHE A 241 0.91 -16.43 -12.69
N GLN A 242 -0.41 -16.32 -12.68
CA GLN A 242 -1.11 -15.58 -13.74
C GLN A 242 -1.77 -14.31 -13.23
N THR A 243 -1.52 -13.22 -13.93
CA THR A 243 -2.03 -11.91 -13.55
C THR A 243 -3.55 -11.86 -13.76
N SER A 244 -4.20 -11.03 -12.97
CA SER A 244 -5.55 -10.59 -13.28
C SER A 244 -5.42 -9.66 -14.49
N PRO A 245 -6.18 -9.93 -15.57
CA PRO A 245 -6.02 -9.15 -16.81
C PRO A 245 -6.75 -7.81 -16.83
N ARG A 246 -7.71 -7.64 -15.92
CA ARG A 246 -8.52 -6.43 -15.85
C ARG A 246 -9.31 -6.46 -14.56
N ILE A 247 -9.73 -5.27 -14.11
CA ILE A 247 -10.62 -5.15 -12.96
C ILE A 247 -11.85 -6.03 -13.17
N GLY A 248 -12.11 -6.88 -12.20
CA GLY A 248 -13.30 -7.72 -12.24
C GLY A 248 -13.02 -9.14 -12.67
N THR A 249 -11.85 -9.39 -13.25
CA THR A 249 -11.44 -10.74 -13.64
C THR A 249 -10.30 -11.23 -12.74
N PRO A 250 -10.56 -12.29 -11.96
CA PRO A 250 -9.56 -12.68 -10.96
C PRO A 250 -8.32 -13.36 -11.52
N GLY A 251 -7.23 -13.27 -10.76
CA GLY A 251 -5.99 -13.95 -11.10
C GLY A 251 -5.24 -14.32 -9.83
N HIS A 252 -4.01 -14.77 -10.00
CA HIS A 252 -3.16 -15.07 -8.84
C HIS A 252 -2.56 -13.83 -8.24
N TYR A 253 -2.42 -12.77 -9.03
CA TYR A 253 -1.93 -11.50 -8.53
C TYR A 253 -2.59 -10.31 -9.19
N VAL A 254 -2.58 -9.21 -8.47
CA VAL A 254 -2.97 -7.91 -8.99
C VAL A 254 -1.81 -6.95 -8.77
N PHE A 255 -1.75 -5.91 -9.58
CA PHE A 255 -0.67 -4.94 -9.45
C PHE A 255 -1.10 -3.57 -9.92
N GLU A 256 -0.43 -2.55 -9.42
CA GLU A 256 -0.73 -1.18 -9.82
C GLU A 256 0.49 -0.30 -9.60
N ARG A 257 0.78 0.54 -10.59
CA ARG A 257 1.81 1.57 -10.48
C ARG A 257 1.62 2.43 -9.24
N ALA A 258 2.68 2.56 -8.43
CA ALA A 258 2.63 3.47 -7.28
C ALA A 258 2.82 4.92 -7.73
N PHE A 259 3.38 5.07 -8.93
CA PHE A 259 3.69 6.35 -9.57
C PHE A 259 4.21 6.03 -10.96
N VAL A 260 4.37 7.07 -11.76
CA VAL A 260 4.94 6.95 -13.08
C VAL A 260 6.16 7.87 -13.16
N GLU A 261 7.21 7.42 -13.83
CA GLU A 261 8.38 8.25 -14.10
C GLU A 261 8.05 9.19 -15.26
N LYS A 262 7.72 10.42 -14.93
CA LYS A 262 7.23 11.37 -15.92
C LYS A 262 8.37 12.02 -16.69
#